data_4H6O
#
_entry.id   4H6O
#
_cell.length_a   63.290
_cell.length_b   63.290
_cell.length_c   223.995
_cell.angle_alpha   90.00
_cell.angle_beta   90.00
_cell.angle_gamma   120.00
#
_symmetry.space_group_name_H-M   'P 31 2 1'
#
loop_
_entity.id
_entity.type
_entity.pdbx_description
1 polymer 'Sterol 14-alpha demethylase'
2 non-polymer 'PROTOPORPHYRIN IX CONTAINING FE'
3 non-polymer 1-[3-(4-chloro-3,5-dimethylphenoxy)benzyl]-1H-imidazole
4 water water
#
_entity_poly.entity_id   1
_entity_poly.type   'polypeptide(L)'
_entity_poly.pdbx_seq_one_letter_code
;MAKKTPPVYPVTVPFLGHIVQFGKNPLEFMQRCKRDLKSGVFTISIGGQRVTIVGDPHEHSRFFSPRNEILSPREVYTIM
TPVFGEGVAYAAPYPRMREQLNFLAEELTIAKFQNFVPAIQHEVRKFMAENWKEDEGVINLLEDCGAMIINTACQCLFGE
DLRKRLNARHFAQLLSKMESSLIPAAVFMPWLLRLPLPQSARCREARAELQKILGEIIVAREKEEASKDNNTSDLLGGLL
KAVYRDGTRMSLHEVCGMIVAAMFAGQHTSTITTSWSMLHLMHPKNKKWLDKLHKEIDEFPAQLNYDNVMDEMPFAERCV
RESIRRDPPLLMVMRMVKAEVKVGSYVVPKGDIIACSPLLSHHDEEAFPNPRLWDPERDEKVDGAFIGFGAGVHKCIGQK
FALLQVKTILATAFREYDFQLLRDEVPDPDYHTMVVGPTLNQCLVKYTRKKKLPSHHHHHH
;
_entity_poly.pdbx_strand_id   A
#
loop_
_chem_comp.id
_chem_comp.type
_chem_comp.name
_chem_comp.formula
HEM non-polymer 'PROTOPORPHYRIN IX CONTAINING FE' 'C34 H32 Fe N4 O4'
NEE non-polymer 1-[3-(4-chloro-3,5-dimethylphenoxy)benzyl]-1H-imidazole 'C18 H17 Cl N2 O'
#
# COMPACT_ATOMS: atom_id res chain seq x y z
N ALA A 2 10.35 -30.95 8.12
CA ALA A 2 10.42 -32.43 8.28
C ALA A 2 11.85 -32.92 8.16
N LYS A 3 12.79 -32.15 8.69
CA LYS A 3 14.19 -32.50 8.52
C LYS A 3 14.39 -32.22 7.04
N LYS A 4 13.27 -31.81 6.45
CA LYS A 4 13.12 -31.53 5.04
C LYS A 4 12.00 -30.52 4.79
N THR A 5 11.87 -30.16 3.52
CA THR A 5 11.00 -29.12 3.02
C THR A 5 9.52 -29.42 3.23
N PRO A 6 8.70 -28.38 3.34
CA PRO A 6 7.27 -28.53 3.53
C PRO A 6 6.65 -29.28 2.36
N PRO A 7 5.33 -29.56 2.43
CA PRO A 7 4.65 -30.23 1.32
C PRO A 7 4.71 -29.40 0.03
N VAL A 8 4.59 -30.08 -1.11
CA VAL A 8 4.55 -29.42 -2.41
C VAL A 8 3.21 -29.65 -3.10
N TYR A 9 2.95 -28.90 -4.17
CA TYR A 9 1.68 -29.00 -4.89
C TYR A 9 1.90 -29.54 -6.31
N PRO A 10 0.98 -30.41 -6.77
CA PRO A 10 1.09 -31.08 -8.08
C PRO A 10 1.02 -30.10 -9.26
N VAL A 11 1.98 -30.21 -10.18
CA VAL A 11 1.95 -29.41 -11.40
C VAL A 11 1.36 -30.22 -12.55
N THR A 12 0.07 -30.01 -12.82
CA THR A 12 -0.59 -30.64 -13.96
C THR A 12 0.06 -30.20 -15.27
N VAL A 13 0.06 -28.89 -15.53
CA VAL A 13 0.75 -28.36 -16.71
C VAL A 13 2.03 -27.64 -16.29
N PRO A 14 3.19 -28.19 -16.69
CA PRO A 14 4.49 -27.87 -16.11
C PRO A 14 5.16 -26.59 -16.60
N PHE A 15 6.04 -26.09 -15.74
CA PHE A 15 6.97 -25.04 -16.07
C PHE A 15 6.22 -23.74 -16.28
N LEU A 16 4.92 -23.85 -16.15
CA LEU A 16 4.06 -22.71 -15.91
C LEU A 16 3.96 -22.49 -14.41
N GLY A 17 4.05 -23.58 -13.66
CA GLY A 17 3.80 -23.55 -12.23
C GLY A 17 2.30 -23.57 -11.97
N HIS A 18 1.84 -22.61 -11.18
CA HIS A 18 0.42 -22.53 -10.83
C HIS A 18 -0.14 -21.17 -11.15
N ILE A 19 0.62 -20.39 -11.90
CA ILE A 19 0.22 -19.03 -12.29
C ILE A 19 -0.97 -19.05 -13.25
N VAL A 20 -1.39 -20.25 -13.65
CA VAL A 20 -2.52 -20.39 -14.57
C VAL A 20 -3.86 -20.29 -13.84
N GLN A 21 -4.02 -21.11 -12.79
CA GLN A 21 -5.20 -21.15 -11.96
C GLN A 21 -5.14 -20.02 -10.94
N PHE A 22 -3.91 -19.62 -10.62
CA PHE A 22 -3.63 -18.56 -9.68
C PHE A 22 -4.22 -17.24 -10.16
N GLY A 23 -3.72 -16.76 -11.30
CA GLY A 23 -3.98 -15.41 -11.77
C GLY A 23 -5.44 -15.00 -11.75
N LYS A 24 -6.32 -15.93 -12.10
CA LYS A 24 -7.76 -15.66 -12.08
C LYS A 24 -8.20 -15.22 -10.69
N ASN A 25 -8.05 -16.13 -9.72
CA ASN A 25 -8.33 -15.81 -8.33
C ASN A 25 -7.29 -16.48 -7.45
N PRO A 26 -6.39 -15.69 -6.86
CA PRO A 26 -5.46 -16.30 -5.92
C PRO A 26 -6.12 -16.76 -4.62
N LEU A 27 -7.19 -16.10 -4.20
CA LEU A 27 -7.81 -16.44 -2.92
C LEU A 27 -8.57 -17.76 -2.99
N GLU A 28 -9.37 -17.91 -4.05
CA GLU A 28 -10.00 -19.18 -4.31
C GLU A 28 -8.92 -20.25 -4.30
N PHE A 29 -7.85 -19.97 -5.02
CA PHE A 29 -6.76 -20.92 -5.21
C PHE A 29 -6.02 -21.20 -3.91
N MET A 30 -5.40 -20.17 -3.35
CA MET A 30 -4.53 -20.38 -2.20
C MET A 30 -5.23 -21.16 -1.10
N GLN A 31 -6.55 -20.96 -0.99
CA GLN A 31 -7.34 -21.65 0.02
C GLN A 31 -7.46 -23.14 -0.29
N ARG A 32 -7.61 -23.46 -1.57
CA ARG A 32 -7.68 -24.85 -2.00
C ARG A 32 -6.47 -25.61 -1.51
N CYS A 33 -5.28 -25.08 -1.79
CA CYS A 33 -4.03 -25.76 -1.46
C CYS A 33 -3.88 -25.99 0.05
N LYS A 34 -4.11 -24.95 0.84
CA LYS A 34 -3.93 -25.09 2.28
C LYS A 34 -4.81 -26.19 2.84
N ARG A 35 -6.08 -26.19 2.46
CA ARG A 35 -6.99 -27.25 2.86
C ARG A 35 -6.59 -28.60 2.23
N ASP A 36 -6.30 -28.57 0.93
CA ASP A 36 -5.94 -29.76 0.17
C ASP A 36 -4.63 -30.39 0.63
N LEU A 37 -3.65 -29.55 0.91
CA LEU A 37 -2.31 -29.99 1.28
C LEU A 37 -2.24 -30.33 2.78
N LYS A 38 -3.38 -30.23 3.45
CA LYS A 38 -3.44 -30.51 4.87
C LYS A 38 -2.45 -29.65 5.65
N SER A 39 -2.06 -28.50 5.10
CA SER A 39 -1.08 -27.65 5.78
C SER A 39 -1.19 -26.18 5.47
N GLY A 40 -1.24 -25.38 6.53
CA GLY A 40 -1.29 -23.93 6.41
C GLY A 40 -0.06 -23.38 5.71
N VAL A 41 1.05 -24.10 5.82
CA VAL A 41 2.24 -23.82 5.05
C VAL A 41 2.39 -24.85 3.92
N PHE A 42 2.99 -24.43 2.81
CA PHE A 42 3.22 -25.31 1.66
C PHE A 42 4.10 -24.65 0.59
N THR A 43 4.64 -25.46 -0.32
CA THR A 43 5.40 -24.95 -1.45
C THR A 43 4.60 -25.03 -2.75
N ILE A 44 4.89 -24.12 -3.68
CA ILE A 44 4.28 -24.18 -5.00
C ILE A 44 5.32 -24.01 -6.10
N SER A 45 5.01 -24.56 -7.27
CA SER A 45 5.83 -24.39 -8.45
C SER A 45 5.39 -23.14 -9.20
N ILE A 46 6.36 -22.32 -9.58
CA ILE A 46 6.10 -21.16 -10.43
C ILE A 46 7.27 -20.96 -11.39
N GLY A 47 7.09 -21.44 -12.62
CA GLY A 47 8.16 -21.40 -13.63
C GLY A 47 9.29 -22.35 -13.32
N GLY A 48 8.99 -23.40 -12.54
CA GLY A 48 10.00 -24.33 -12.07
C GLY A 48 10.62 -23.86 -10.77
N GLN A 49 10.29 -22.64 -10.34
CA GLN A 49 10.87 -22.03 -9.15
C GLN A 49 10.03 -22.26 -7.89
N ARG A 50 10.63 -22.94 -6.92
CA ARG A 50 9.97 -23.31 -5.67
C ARG A 50 9.48 -22.09 -4.89
N VAL A 51 8.16 -21.98 -4.75
CA VAL A 51 7.58 -20.88 -3.99
C VAL A 51 6.84 -21.42 -2.76
N THR A 52 7.38 -21.11 -1.57
CA THR A 52 6.79 -21.58 -0.33
C THR A 52 5.96 -20.49 0.34
N ILE A 53 4.64 -20.62 0.26
CA ILE A 53 3.72 -19.67 0.88
C ILE A 53 3.48 -19.98 2.36
N VAL A 54 3.69 -19.00 3.23
CA VAL A 54 3.43 -19.14 4.66
C VAL A 54 2.02 -18.68 5.01
N GLY A 55 1.11 -19.63 5.22
CA GLY A 55 -0.32 -19.33 5.33
C GLY A 55 -0.94 -19.66 6.68
N ASP A 56 -0.11 -20.06 7.63
CA ASP A 56 -0.56 -20.33 8.99
C ASP A 56 -0.17 -19.15 9.87
N PRO A 57 -1.14 -18.39 10.34
CA PRO A 57 -0.91 -17.14 11.00
C PRO A 57 0.01 -17.23 12.19
N HIS A 58 0.02 -18.38 12.86
CA HIS A 58 0.86 -18.53 14.03
C HIS A 58 2.26 -18.28 13.61
N GLU A 59 2.54 -18.60 12.35
CA GLU A 59 3.93 -18.61 11.91
C GLU A 59 4.49 -17.32 11.35
N HIS A 60 3.69 -16.28 11.21
CA HIS A 60 4.18 -15.06 10.58
C HIS A 60 5.51 -14.64 11.12
N SER A 61 5.73 -14.85 12.42
CA SER A 61 6.97 -14.46 13.05
C SER A 61 8.19 -15.03 12.33
N ARG A 62 8.07 -16.28 11.87
CA ARG A 62 9.15 -16.96 11.16
C ARG A 62 9.53 -16.24 9.89
N PHE A 63 8.54 -15.58 9.29
CA PHE A 63 8.70 -14.91 8.00
C PHE A 63 9.27 -13.50 8.16
N PHE A 64 8.77 -12.77 9.15
CA PHE A 64 9.06 -11.34 9.28
C PHE A 64 10.21 -11.00 10.23
N SER A 65 10.76 -12.01 10.90
CA SER A 65 11.76 -11.74 11.94
C SER A 65 13.20 -11.77 11.45
N PRO A 66 13.54 -12.71 10.55
CA PRO A 66 14.93 -12.84 10.12
C PRO A 66 15.39 -11.61 9.35
N ARG A 67 16.66 -11.25 9.55
CA ARG A 67 17.30 -10.13 8.86
C ARG A 67 17.53 -10.43 7.38
N ASN A 68 17.69 -9.38 6.57
CA ASN A 68 17.71 -9.54 5.12
C ASN A 68 18.76 -10.52 4.64
N GLU A 69 19.94 -10.51 5.25
CA GLU A 69 21.03 -11.43 4.91
C GLU A 69 20.55 -12.89 4.91
N ILE A 70 19.60 -13.22 5.78
CA ILE A 70 18.98 -14.53 5.78
C ILE A 70 17.86 -14.57 4.75
N LEU A 71 16.86 -13.73 4.95
CA LEU A 71 15.76 -13.60 3.99
C LEU A 71 15.83 -12.24 3.30
N SER A 72 16.35 -12.23 2.08
CA SER A 72 16.48 -11.00 1.30
C SER A 72 15.23 -10.72 0.48
N PRO A 73 14.79 -9.45 0.46
CA PRO A 73 13.67 -8.99 -0.34
C PRO A 73 14.14 -8.29 -1.61
N ARG A 74 15.45 -8.09 -1.74
CA ARG A 74 16.01 -7.41 -2.89
C ARG A 74 15.67 -8.12 -4.19
N GLU A 75 15.72 -9.45 -4.16
CA GLU A 75 15.58 -10.27 -5.35
C GLU A 75 14.17 -10.18 -5.96
N VAL A 76 13.17 -9.94 -5.13
CA VAL A 76 11.81 -9.85 -5.59
C VAL A 76 11.57 -8.63 -6.46
N TYR A 77 12.12 -7.51 -6.01
CA TYR A 77 11.82 -6.20 -6.57
C TYR A 77 12.95 -5.77 -7.46
N THR A 78 13.57 -6.74 -8.09
CA THR A 78 14.52 -6.47 -9.15
C THR A 78 13.81 -5.68 -10.24
N ILE A 79 12.49 -5.82 -10.27
CA ILE A 79 11.66 -5.31 -11.32
C ILE A 79 11.87 -3.82 -11.49
N MET A 80 12.01 -3.11 -10.37
CA MET A 80 11.93 -1.65 -10.43
C MET A 80 13.22 -0.92 -10.10
N THR A 81 14.36 -1.61 -10.23
CA THR A 81 15.65 -0.98 -9.98
C THR A 81 15.83 0.27 -10.83
N PRO A 82 15.27 0.26 -12.06
CA PRO A 82 15.38 1.41 -12.96
C PRO A 82 14.42 2.53 -12.59
N VAL A 83 13.34 2.19 -11.89
CA VAL A 83 12.33 3.17 -11.50
C VAL A 83 12.85 4.09 -10.38
N PHE A 84 13.71 3.55 -9.52
CA PHE A 84 14.25 4.33 -8.42
C PHE A 84 15.73 4.66 -8.62
N GLY A 85 16.38 3.90 -9.50
CA GLY A 85 17.78 4.14 -9.81
C GLY A 85 18.72 3.16 -9.11
N GLU A 86 19.67 2.64 -9.87
CA GLU A 86 20.66 1.72 -9.31
C GLU A 86 21.25 2.28 -8.03
N GLY A 87 21.07 1.56 -6.93
CA GLY A 87 21.58 2.00 -5.64
C GLY A 87 20.56 2.79 -4.84
N VAL A 88 19.29 2.67 -5.23
CA VAL A 88 18.20 3.28 -4.49
C VAL A 88 17.12 2.24 -4.18
N ALA A 89 16.61 2.27 -2.96
CA ALA A 89 15.66 1.25 -2.49
C ALA A 89 16.29 -0.12 -2.62
N TYR A 90 15.54 -1.04 -3.21
CA TYR A 90 15.96 -2.41 -3.32
C TYR A 90 17.19 -2.53 -4.17
N ALA A 91 17.38 -1.51 -4.97
CA ALA A 91 18.54 -1.45 -5.85
C ALA A 91 19.81 -1.23 -5.03
N ALA A 92 19.68 -0.48 -3.94
CA ALA A 92 20.81 -0.19 -3.06
C ALA A 92 21.18 -1.41 -2.24
N PRO A 93 22.37 -1.38 -1.60
CA PRO A 93 22.81 -2.43 -0.68
C PRO A 93 22.14 -2.24 0.68
N TYR A 94 21.87 -3.34 1.39
CA TYR A 94 21.09 -3.29 2.63
C TYR A 94 21.57 -2.21 3.57
N PRO A 95 22.90 -2.11 3.77
CA PRO A 95 23.36 -1.06 4.67
C PRO A 95 22.89 0.32 4.20
N ARG A 96 22.96 0.56 2.89
CA ARG A 96 22.49 1.82 2.32
C ARG A 96 20.97 1.84 2.24
N MET A 97 20.39 0.79 1.67
CA MET A 97 18.93 0.64 1.69
C MET A 97 18.41 0.92 3.10
N ARG A 98 19.06 0.31 4.10
CA ARG A 98 18.72 0.55 5.50
C ARG A 98 18.74 2.03 5.82
N GLU A 99 19.85 2.69 5.53
CA GLU A 99 20.02 4.10 5.85
C GLU A 99 18.95 4.96 5.18
N GLN A 100 18.61 4.62 3.93
CA GLN A 100 17.57 5.33 3.19
C GLN A 100 16.23 5.21 3.89
N LEU A 101 15.85 3.98 4.25
CA LEU A 101 14.61 3.76 4.99
C LEU A 101 14.49 4.73 6.17
N ASN A 102 15.56 4.86 6.96
CA ASN A 102 15.57 5.83 8.05
C ASN A 102 15.24 7.25 7.60
N PHE A 103 15.91 7.69 6.54
CA PHE A 103 15.68 9.03 6.03
C PHE A 103 14.18 9.27 5.82
N LEU A 104 13.56 8.38 5.05
CA LEU A 104 12.15 8.50 4.76
C LEU A 104 11.37 8.43 6.05
N ALA A 105 11.73 7.50 6.93
CA ALA A 105 11.05 7.32 8.20
C ALA A 105 11.04 8.64 8.99
N GLU A 106 12.21 9.24 9.15
CA GLU A 106 12.33 10.46 9.93
C GLU A 106 11.59 11.63 9.28
N GLU A 107 11.04 11.39 8.09
CA GLU A 107 10.28 12.41 7.36
C GLU A 107 8.79 12.24 7.58
N LEU A 108 8.39 11.05 8.01
CA LEU A 108 6.98 10.72 8.11
C LEU A 108 6.53 10.57 9.56
N THR A 109 7.46 10.68 10.48
CA THR A 109 7.11 10.53 11.88
C THR A 109 6.03 11.53 12.25
N ILE A 110 5.27 11.21 13.31
CA ILE A 110 4.20 12.08 13.80
C ILE A 110 4.72 13.44 14.27
N ALA A 111 6.04 13.64 14.22
CA ALA A 111 6.62 14.94 14.52
C ALA A 111 6.29 15.96 13.41
N LYS A 112 6.24 15.48 12.17
CA LYS A 112 6.04 16.34 11.02
C LYS A 112 4.55 16.47 10.64
N PHE A 113 3.68 15.85 11.43
CA PHE A 113 2.27 15.68 11.08
C PHE A 113 1.35 16.81 11.53
N GLN A 114 1.90 17.94 11.97
CA GLN A 114 1.04 18.97 12.60
C GLN A 114 0.22 19.82 11.62
N ASN A 115 0.88 20.41 10.61
CA ASN A 115 0.15 21.13 9.57
C ASN A 115 -0.64 20.17 8.67
N PHE A 116 -0.20 18.92 8.63
CA PHE A 116 -0.80 17.89 7.78
C PHE A 116 -2.33 17.80 7.87
N VAL A 117 -2.84 17.65 9.09
CA VAL A 117 -4.28 17.49 9.28
C VAL A 117 -5.07 18.56 8.54
N PRO A 118 -4.85 19.84 8.88
CA PRO A 118 -5.51 20.95 8.19
C PRO A 118 -5.15 21.02 6.70
N ALA A 119 -3.88 20.78 6.39
CA ALA A 119 -3.45 20.75 4.99
C ALA A 119 -4.26 19.74 4.21
N ILE A 120 -4.76 18.73 4.92
CA ILE A 120 -5.56 17.68 4.30
C ILE A 120 -7.03 18.10 4.11
N GLN A 121 -7.68 18.50 5.20
CA GLN A 121 -9.05 18.97 5.09
C GLN A 121 -9.20 19.90 3.89
N HIS A 122 -8.24 20.82 3.77
CA HIS A 122 -8.25 21.81 2.69
C HIS A 122 -8.30 21.19 1.32
N GLU A 123 -7.28 20.39 1.00
CA GLU A 123 -7.13 19.87 -0.37
C GLU A 123 -8.28 19.01 -0.89
N VAL A 124 -8.93 18.29 0.02
CA VAL A 124 -10.09 17.50 -0.38
C VAL A 124 -11.27 18.42 -0.64
N ARG A 125 -11.59 19.24 0.35
CA ARG A 125 -12.70 20.18 0.24
C ARG A 125 -12.67 20.89 -1.10
N LYS A 126 -11.49 21.19 -1.58
CA LYS A 126 -11.37 21.79 -2.88
C LYS A 126 -11.89 20.89 -3.96
N PHE A 127 -11.39 19.66 -3.95
CA PHE A 127 -11.53 18.73 -5.05
C PHE A 127 -12.99 18.52 -5.37
N MET A 128 -13.74 18.38 -4.30
CA MET A 128 -15.15 18.09 -4.34
C MET A 128 -15.91 19.22 -4.99
N ALA A 129 -15.53 20.44 -4.67
CA ALA A 129 -16.17 21.61 -5.25
C ALA A 129 -15.83 21.80 -6.70
N GLU A 130 -14.70 21.26 -7.11
CA GLU A 130 -14.32 21.33 -8.51
C GLU A 130 -14.90 20.13 -9.24
N ASN A 131 -15.49 19.22 -8.50
CA ASN A 131 -16.02 17.97 -9.07
C ASN A 131 -17.42 17.57 -8.64
N TRP A 132 -17.64 17.53 -7.33
CA TRP A 132 -18.95 17.28 -6.81
C TRP A 132 -19.49 18.64 -6.64
N LYS A 133 -19.69 19.31 -7.78
CA LYS A 133 -20.28 20.62 -7.80
C LYS A 133 -21.76 20.59 -7.44
N GLU A 134 -22.46 19.62 -8.01
CA GLU A 134 -23.91 19.56 -7.97
C GLU A 134 -24.40 18.90 -6.68
N ASP A 135 -25.73 18.76 -6.53
CA ASP A 135 -26.29 18.09 -5.35
C ASP A 135 -26.70 16.66 -5.66
N GLU A 136 -26.38 16.20 -6.86
CA GLU A 136 -26.51 14.79 -7.22
C GLU A 136 -25.58 14.53 -8.39
N GLY A 137 -24.77 13.48 -8.29
CA GLY A 137 -23.79 13.20 -9.34
C GLY A 137 -23.39 11.76 -9.44
N VAL A 138 -22.88 11.37 -10.61
CA VAL A 138 -22.31 10.04 -10.77
C VAL A 138 -20.80 10.15 -10.96
N ILE A 139 -20.07 9.56 -10.01
CA ILE A 139 -18.61 9.66 -9.97
C ILE A 139 -18.01 8.29 -9.73
N ASN A 140 -16.84 8.06 -10.33
CA ASN A 140 -16.12 6.81 -10.11
C ASN A 140 -15.16 6.95 -8.92
N LEU A 141 -15.45 6.24 -7.84
CA LEU A 141 -14.74 6.45 -6.57
C LEU A 141 -13.26 6.06 -6.63
N LEU A 142 -12.97 4.93 -7.27
CA LEU A 142 -11.59 4.49 -7.42
C LEU A 142 -10.73 5.58 -8.08
N GLU A 143 -11.32 6.32 -9.01
CA GLU A 143 -10.60 7.39 -9.70
C GLU A 143 -10.63 8.70 -8.92
N ASP A 144 -11.76 9.00 -8.31
CA ASP A 144 -11.89 10.20 -7.49
C ASP A 144 -11.06 10.10 -6.20
N CYS A 145 -10.84 8.89 -5.73
CA CYS A 145 -9.96 8.68 -4.57
C CYS A 145 -8.51 8.72 -5.01
N GLY A 146 -8.19 7.96 -6.06
CA GLY A 146 -6.82 7.93 -6.57
C GLY A 146 -6.24 9.32 -6.74
N ALA A 147 -7.13 10.30 -6.91
CA ALA A 147 -6.72 11.68 -7.12
C ALA A 147 -6.52 12.41 -5.81
N MET A 148 -7.53 12.37 -4.94
CA MET A 148 -7.45 13.05 -3.66
C MET A 148 -6.25 12.59 -2.85
N ILE A 149 -5.95 11.30 -2.90
CA ILE A 149 -4.80 10.79 -2.19
C ILE A 149 -3.53 11.45 -2.73
N ILE A 150 -3.37 11.46 -4.05
CA ILE A 150 -2.20 12.08 -4.63
C ILE A 150 -2.16 13.56 -4.27
N ASN A 151 -3.33 14.19 -4.29
CA ASN A 151 -3.45 15.61 -3.97
C ASN A 151 -3.01 15.91 -2.56
N THR A 152 -3.64 15.25 -1.59
CA THR A 152 -3.42 15.58 -0.19
C THR A 152 -2.00 15.23 0.24
N ALA A 153 -1.46 14.17 -0.35
CA ALA A 153 -0.10 13.72 -0.04
C ALA A 153 0.94 14.74 -0.51
N CYS A 154 0.72 15.27 -1.70
CA CYS A 154 1.59 16.32 -2.21
C CYS A 154 1.40 17.60 -1.40
N GLN A 155 0.15 17.87 -1.03
CA GLN A 155 -0.16 19.03 -0.21
C GLN A 155 0.56 18.89 1.13
N CYS A 156 0.91 17.66 1.47
CA CYS A 156 1.56 17.37 2.75
C CYS A 156 3.09 17.34 2.68
N LEU A 157 3.63 16.75 1.61
CA LEU A 157 5.06 16.48 1.54
C LEU A 157 5.78 17.38 0.54
N PHE A 158 5.02 18.23 -0.14
CA PHE A 158 5.58 19.11 -1.16
C PHE A 158 5.59 20.56 -0.70
N GLY A 159 6.70 21.25 -0.95
CA GLY A 159 6.83 22.65 -0.58
C GLY A 159 6.05 23.55 -1.52
N GLU A 160 5.59 24.69 -1.01
CA GLU A 160 4.78 25.62 -1.81
C GLU A 160 5.44 25.93 -3.15
N ASP A 161 6.76 26.11 -3.13
CA ASP A 161 7.48 26.42 -4.35
C ASP A 161 7.51 25.22 -5.30
N LEU A 162 7.66 24.02 -4.74
CA LEU A 162 7.70 22.80 -5.54
C LEU A 162 6.33 22.51 -6.16
N ARG A 163 5.30 22.66 -5.36
CA ARG A 163 3.95 22.49 -5.81
C ARG A 163 3.51 23.53 -6.83
N LYS A 164 4.24 24.61 -6.94
CA LYS A 164 3.99 25.57 -7.98
C LYS A 164 4.54 25.12 -9.32
N ARG A 165 5.64 24.40 -9.27
CA ARG A 165 6.30 23.91 -10.47
C ARG A 165 5.92 22.49 -10.80
N LEU A 166 4.99 21.96 -10.04
CA LEU A 166 4.48 20.63 -10.25
C LEU A 166 3.13 20.72 -9.65
N ASN A 167 2.14 20.08 -10.24
CA ASN A 167 0.87 19.95 -9.57
C ASN A 167 0.58 18.47 -9.43
N ALA A 168 -0.22 18.10 -8.44
CA ALA A 168 -0.51 16.69 -8.24
C ALA A 168 -0.75 16.04 -9.59
N ARG A 169 -1.72 16.59 -10.32
CA ARG A 169 -2.15 16.09 -11.61
C ARG A 169 -0.93 15.67 -12.42
N HIS A 170 -0.07 16.64 -12.70
CA HIS A 170 1.11 16.41 -13.51
C HIS A 170 1.98 15.36 -12.92
N PHE A 171 2.23 15.45 -11.61
CA PHE A 171 3.13 14.51 -10.96
C PHE A 171 2.57 13.09 -11.02
N ALA A 172 1.29 12.95 -10.72
CA ALA A 172 0.64 11.65 -10.80
C ALA A 172 0.81 11.06 -12.19
N GLN A 173 0.48 11.85 -13.21
CA GLN A 173 0.58 11.41 -14.60
C GLN A 173 2.00 10.98 -14.96
N LEU A 174 2.94 11.31 -14.10
CA LEU A 174 4.34 10.96 -14.33
C LEU A 174 4.68 9.67 -13.63
N LEU A 175 4.08 9.48 -12.46
CA LEU A 175 4.16 8.25 -11.73
C LEU A 175 3.48 7.17 -12.53
N SER A 176 2.36 7.53 -13.12
CA SER A 176 1.63 6.67 -14.02
C SER A 176 2.30 6.54 -15.37
N LYS A 177 3.28 7.37 -15.65
CA LYS A 177 4.13 7.15 -16.78
C LYS A 177 5.21 6.13 -16.49
N MET A 178 5.82 6.27 -15.32
CA MET A 178 6.90 5.41 -14.86
C MET A 178 6.40 3.99 -14.53
N GLU A 179 5.17 3.88 -14.06
CA GLU A 179 4.59 2.62 -13.65
C GLU A 179 4.22 1.65 -14.78
N SER A 180 3.63 2.20 -15.83
CA SER A 180 3.02 1.38 -16.85
C SER A 180 4.02 0.39 -17.42
N SER A 181 5.29 0.65 -17.19
CA SER A 181 6.31 -0.31 -17.53
C SER A 181 6.41 -1.33 -16.39
N LEU A 182 5.32 -2.06 -16.15
CA LEU A 182 5.30 -3.23 -15.27
C LEU A 182 4.25 -4.23 -15.75
N ILE A 183 4.63 -5.50 -15.86
CA ILE A 183 3.71 -6.57 -16.28
C ILE A 183 3.75 -7.77 -15.33
N PRO A 184 2.62 -8.47 -15.21
CA PRO A 184 2.37 -9.42 -14.12
C PRO A 184 3.46 -10.47 -13.91
N ALA A 185 3.86 -11.16 -14.99
CA ALA A 185 4.99 -12.10 -14.91
C ALA A 185 6.32 -11.38 -15.10
N ALA A 186 6.90 -10.93 -13.98
CA ALA A 186 8.16 -10.18 -14.01
C ALA A 186 9.13 -10.69 -12.94
N VAL A 187 8.65 -10.80 -11.70
CA VAL A 187 9.47 -11.27 -10.58
C VAL A 187 9.94 -12.72 -10.77
N PHE A 188 9.32 -13.42 -11.72
CA PHE A 188 9.60 -14.85 -11.91
C PHE A 188 10.27 -15.12 -13.25
N MET A 189 11.24 -14.27 -13.61
CA MET A 189 12.02 -14.44 -14.83
C MET A 189 13.41 -13.83 -14.67
N LEU A 197 14.35 -2.08 -23.97
CA LEU A 197 12.98 -1.74 -23.62
C LEU A 197 12.67 -0.27 -23.89
N PRO A 198 11.79 0.00 -24.88
CA PRO A 198 11.31 1.36 -25.12
C PRO A 198 10.52 1.88 -23.92
N GLN A 199 10.05 0.97 -23.07
CA GLN A 199 9.37 1.35 -21.84
C GLN A 199 10.38 1.79 -20.79
N SER A 200 11.57 1.19 -20.82
CA SER A 200 12.66 1.64 -19.96
C SER A 200 13.14 3.00 -20.44
N ALA A 201 12.82 3.32 -21.70
CA ALA A 201 13.14 4.62 -22.27
C ALA A 201 12.10 5.67 -21.88
N ARG A 202 10.85 5.23 -21.77
CA ARG A 202 9.77 6.10 -21.31
C ARG A 202 9.84 6.21 -19.79
N CYS A 203 10.32 5.15 -19.17
CA CYS A 203 10.48 5.13 -17.72
C CYS A 203 11.60 6.08 -17.33
N ARG A 204 12.70 6.03 -18.08
CA ARG A 204 13.85 6.88 -17.81
C ARG A 204 13.59 8.31 -18.24
N GLU A 205 12.72 8.49 -19.23
CA GLU A 205 12.38 9.82 -19.72
C GLU A 205 11.55 10.57 -18.68
N ALA A 206 10.44 9.97 -18.25
CA ALA A 206 9.59 10.59 -17.25
C ALA A 206 10.35 10.85 -15.96
N ARG A 207 11.42 10.08 -15.77
CA ARG A 207 12.24 10.14 -14.57
C ARG A 207 13.30 11.23 -14.72
N ALA A 208 14.07 11.14 -15.81
CA ALA A 208 15.11 12.12 -16.11
C ALA A 208 14.51 13.52 -16.21
N GLU A 209 13.25 13.59 -16.66
CA GLU A 209 12.51 14.85 -16.68
C GLU A 209 12.34 15.36 -15.26
N LEU A 210 11.75 14.52 -14.41
CA LEU A 210 11.55 14.84 -13.01
C LEU A 210 12.88 15.15 -12.33
N GLN A 211 13.85 14.25 -12.53
CA GLN A 211 15.17 14.41 -11.92
C GLN A 211 15.76 15.78 -12.23
N LYS A 212 15.47 16.30 -13.43
CA LYS A 212 15.94 17.63 -13.80
C LYS A 212 15.09 18.70 -13.14
N ILE A 213 13.78 18.62 -13.29
CA ILE A 213 12.87 19.58 -12.67
C ILE A 213 13.27 19.84 -11.22
N LEU A 214 13.54 18.76 -10.48
CA LEU A 214 13.85 18.85 -9.07
C LEU A 214 15.09 19.66 -8.85
N GLY A 215 16.14 19.35 -9.62
CA GLY A 215 17.41 20.05 -9.50
C GLY A 215 17.23 21.55 -9.61
N GLU A 216 16.48 21.97 -10.63
CA GLU A 216 16.17 23.38 -10.80
C GLU A 216 15.57 23.94 -9.52
N ILE A 217 14.52 23.29 -9.02
CA ILE A 217 13.86 23.70 -7.79
C ILE A 217 14.90 23.90 -6.69
N ILE A 218 15.96 23.11 -6.75
CA ILE A 218 17.06 23.20 -5.79
C ILE A 218 17.91 24.45 -6.02
N VAL A 219 18.27 24.70 -7.28
CA VAL A 219 19.00 25.89 -7.66
C VAL A 219 18.35 27.13 -7.07
N ALA A 220 17.03 27.15 -7.04
CA ALA A 220 16.28 28.31 -6.54
C ALA A 220 16.18 28.32 -5.02
N ARG A 221 16.26 27.15 -4.40
CA ARG A 221 16.20 27.07 -2.94
C ARG A 221 17.48 27.61 -2.30
N GLU A 222 18.61 27.08 -2.74
CA GLU A 222 19.90 27.44 -2.19
C GLU A 222 20.22 28.91 -2.40
N LYS A 223 19.88 29.41 -3.58
CA LYS A 223 20.24 30.75 -3.95
C LYS A 223 19.55 31.69 -3.01
N GLU A 224 18.70 31.14 -2.16
CA GLU A 224 17.91 31.92 -1.22
C GLU A 224 18.28 31.59 0.22
N SER A 233 10.44 22.94 5.56
CA SER A 233 11.04 21.64 5.85
C SER A 233 10.18 20.50 5.31
N ASP A 234 10.15 20.36 3.97
CA ASP A 234 9.38 19.30 3.32
C ASP A 234 10.19 18.03 3.10
N LEU A 235 9.57 17.04 2.47
CA LEU A 235 10.24 15.77 2.20
C LEU A 235 11.52 15.98 1.40
N LEU A 236 11.42 16.78 0.33
CA LEU A 236 12.58 17.12 -0.46
C LEU A 236 13.66 17.71 0.43
N GLY A 237 13.40 18.90 0.97
CA GLY A 237 14.34 19.58 1.85
C GLY A 237 14.93 18.64 2.89
N GLY A 238 14.05 17.88 3.53
CA GLY A 238 14.47 16.90 4.54
C GLY A 238 15.54 15.97 3.99
N LEU A 239 15.28 15.40 2.83
CA LEU A 239 16.23 14.47 2.20
C LEU A 239 17.55 15.15 1.84
N LEU A 240 17.51 16.47 1.65
CA LEU A 240 18.72 17.23 1.31
C LEU A 240 19.71 17.29 2.46
N LYS A 241 19.19 17.62 3.65
CA LYS A 241 20.00 17.66 4.85
C LYS A 241 20.50 16.27 5.24
N ALA A 242 19.97 15.25 4.57
CA ALA A 242 20.28 13.87 4.88
C ALA A 242 21.77 13.53 4.71
N VAL A 243 22.34 12.94 5.75
CA VAL A 243 23.75 12.55 5.75
C VAL A 243 23.88 11.06 6.01
N TYR A 244 24.64 10.38 5.15
CA TYR A 244 24.89 8.96 5.35
C TYR A 244 25.83 8.74 6.53
N ARG A 245 25.99 7.46 6.91
CA ARG A 245 26.88 7.09 7.99
C ARG A 245 28.23 7.74 7.84
N ASP A 246 28.77 7.65 6.64
CA ASP A 246 30.13 8.05 6.39
C ASP A 246 30.23 9.50 6.00
N GLY A 247 29.18 10.24 6.25
CA GLY A 247 29.18 11.65 5.96
C GLY A 247 28.91 11.93 4.50
N THR A 248 28.67 10.88 3.72
CA THR A 248 28.29 11.08 2.34
C THR A 248 26.85 11.51 2.22
N ARG A 249 26.52 12.14 1.11
CA ARG A 249 25.17 12.64 0.91
C ARG A 249 24.55 12.04 -0.35
N MET A 250 23.27 12.30 -0.54
CA MET A 250 22.55 11.76 -1.67
C MET A 250 22.75 12.58 -2.94
N SER A 251 23.03 11.88 -4.03
CA SER A 251 23.05 12.50 -5.35
C SER A 251 21.61 12.79 -5.77
N LEU A 252 21.42 13.85 -6.55
CA LEU A 252 20.08 14.17 -7.02
C LEU A 252 19.38 12.90 -7.51
N HIS A 253 20.16 12.02 -8.12
CA HIS A 253 19.66 10.73 -8.59
C HIS A 253 19.03 9.95 -7.47
N GLU A 254 19.81 9.68 -6.43
CA GLU A 254 19.31 8.96 -5.26
C GLU A 254 18.12 9.68 -4.66
N VAL A 255 18.26 10.98 -4.47
CA VAL A 255 17.17 11.79 -3.98
C VAL A 255 15.92 11.52 -4.79
N CYS A 256 15.98 11.80 -6.08
CA CYS A 256 14.82 11.67 -6.96
C CYS A 256 14.04 10.39 -6.73
N GLY A 257 14.74 9.25 -6.77
CA GLY A 257 14.09 7.96 -6.51
C GLY A 257 13.33 7.97 -5.19
N MET A 258 14.04 8.29 -4.11
CA MET A 258 13.46 8.35 -2.78
C MET A 258 12.08 9.01 -2.78
N ILE A 259 11.97 10.17 -3.42
CA ILE A 259 10.69 10.87 -3.48
C ILE A 259 9.67 10.05 -4.27
N VAL A 260 10.13 9.43 -5.36
CA VAL A 260 9.28 8.55 -6.16
C VAL A 260 8.83 7.35 -5.32
N ALA A 261 9.80 6.63 -4.78
CA ALA A 261 9.52 5.50 -3.90
C ALA A 261 8.50 5.87 -2.82
N ALA A 262 8.74 6.97 -2.11
CA ALA A 262 7.78 7.42 -1.11
C ALA A 262 6.41 7.55 -1.76
N MET A 263 6.35 8.35 -2.81
CA MET A 263 5.10 8.64 -3.50
C MET A 263 4.48 7.39 -4.10
N PHE A 264 5.30 6.51 -4.68
CA PHE A 264 4.76 5.29 -5.25
C PHE A 264 4.15 4.42 -4.15
N ALA A 265 4.94 4.15 -3.09
CA ALA A 265 4.51 3.28 -2.02
C ALA A 265 3.11 3.62 -1.55
N GLY A 266 2.83 4.91 -1.35
CA GLY A 266 1.57 5.31 -0.77
C GLY A 266 0.44 5.52 -1.76
N GLN A 267 0.77 5.58 -3.04
CA GLN A 267 -0.21 5.96 -4.06
C GLN A 267 -1.41 5.02 -4.17
N HIS A 268 -1.15 3.81 -4.63
CA HIS A 268 -2.21 2.86 -4.89
C HIS A 268 -2.73 2.28 -3.62
N THR A 269 -1.82 1.87 -2.74
CA THR A 269 -2.20 1.27 -1.46
C THR A 269 -3.21 2.14 -0.72
N SER A 270 -2.93 3.43 -0.63
CA SER A 270 -3.75 4.33 0.17
C SER A 270 -5.11 4.58 -0.47
N THR A 271 -5.12 4.94 -1.74
CA THR A 271 -6.36 5.24 -2.44
C THR A 271 -7.36 4.07 -2.44
N ILE A 272 -6.86 2.89 -2.79
CA ILE A 272 -7.62 1.64 -2.71
C ILE A 272 -8.22 1.46 -1.33
N THR A 273 -7.41 1.65 -0.30
CA THR A 273 -7.87 1.53 1.07
C THR A 273 -9.00 2.52 1.34
N THR A 274 -8.84 3.75 0.89
CA THR A 274 -9.87 4.76 0.99
C THR A 274 -11.10 4.38 0.18
N SER A 275 -10.89 3.90 -1.05
CA SER A 275 -12.01 3.45 -1.85
C SER A 275 -12.78 2.39 -1.10
N TRP A 276 -12.12 1.32 -0.67
CA TRP A 276 -12.81 0.23 -0.01
C TRP A 276 -13.53 0.69 1.20
N SER A 277 -12.89 1.49 2.02
CA SER A 277 -13.51 1.96 3.25
C SER A 277 -14.82 2.69 2.94
N MET A 278 -14.77 3.60 1.97
CA MET A 278 -15.96 4.32 1.53
C MET A 278 -17.01 3.33 1.02
N LEU A 279 -16.59 2.42 0.15
CA LEU A 279 -17.47 1.41 -0.45
C LEU A 279 -18.26 0.63 0.61
N HIS A 280 -17.55 0.18 1.64
CA HIS A 280 -18.20 -0.54 2.73
C HIS A 280 -19.19 0.35 3.44
N LEU A 281 -18.77 1.56 3.74
CA LEU A 281 -19.57 2.46 4.57
C LEU A 281 -20.86 2.91 3.90
N MET A 282 -20.79 3.23 2.60
CA MET A 282 -21.95 3.76 1.88
C MET A 282 -23.01 2.68 1.68
N HIS A 283 -22.72 1.48 2.19
CA HIS A 283 -23.62 0.34 2.02
C HIS A 283 -24.68 0.32 3.08
N PRO A 284 -25.93 -0.04 2.69
CA PRO A 284 -27.06 -0.10 3.60
C PRO A 284 -26.89 -1.19 4.65
N LYS A 285 -26.35 -2.32 4.22
CA LYS A 285 -26.07 -3.43 5.13
C LYS A 285 -25.10 -2.97 6.21
N ASN A 286 -24.43 -1.85 5.95
CA ASN A 286 -23.40 -1.32 6.84
C ASN A 286 -23.77 0.00 7.53
N LYS A 287 -25.05 0.23 7.76
CA LYS A 287 -25.53 1.52 8.29
C LYS A 287 -25.15 1.79 9.74
N LYS A 288 -25.35 0.82 10.62
CA LYS A 288 -25.00 0.98 12.04
C LYS A 288 -23.59 1.52 12.21
N TRP A 289 -22.66 1.00 11.40
CA TRP A 289 -21.28 1.42 11.48
C TRP A 289 -21.14 2.84 11.04
N LEU A 290 -21.78 3.19 9.92
CA LEU A 290 -21.84 4.57 9.48
C LEU A 290 -22.44 5.43 10.60
N ASP A 291 -23.45 4.89 11.28
CA ASP A 291 -24.08 5.58 12.40
C ASP A 291 -23.10 5.78 13.56
N LYS A 292 -22.28 4.78 13.83
CA LYS A 292 -21.21 4.90 14.82
C LYS A 292 -20.13 5.85 14.31
N LEU A 293 -19.91 5.86 13.01
CA LEU A 293 -18.93 6.75 12.40
C LEU A 293 -19.39 8.19 12.44
N HIS A 294 -20.62 8.40 12.92
CA HIS A 294 -21.16 9.75 13.03
C HIS A 294 -21.15 10.27 14.44
N LYS A 295 -21.63 9.45 15.37
CA LYS A 295 -21.52 9.78 16.78
C LYS A 295 -20.07 10.07 17.09
N GLU A 296 -19.23 9.88 16.08
CA GLU A 296 -17.80 10.12 16.23
C GLU A 296 -17.36 11.45 15.57
N ILE A 297 -17.85 11.69 14.36
CA ILE A 297 -17.43 12.88 13.61
C ILE A 297 -18.46 14.00 13.64
N ASP A 298 -19.38 13.94 14.60
CA ASP A 298 -20.49 14.91 14.65
C ASP A 298 -20.17 16.17 15.44
N GLU A 299 -19.57 16.00 16.62
CA GLU A 299 -19.29 17.13 17.51
C GLU A 299 -17.95 17.77 17.21
N PHE A 300 -17.27 17.25 16.19
CA PHE A 300 -16.05 17.86 15.69
C PHE A 300 -16.40 19.09 14.88
N PRO A 301 -15.43 19.99 14.70
CA PRO A 301 -15.69 21.15 13.88
C PRO A 301 -15.06 21.00 12.50
N ALA A 302 -15.46 21.85 11.57
CA ALA A 302 -14.98 21.79 10.20
C ALA A 302 -13.49 22.13 10.16
N GLN A 303 -12.93 22.43 11.33
CA GLN A 303 -11.51 22.72 11.47
C GLN A 303 -10.86 21.64 12.32
N LEU A 304 -10.21 20.68 11.68
CA LEU A 304 -9.62 19.54 12.38
C LEU A 304 -8.17 19.79 12.79
N ASN A 305 -7.86 19.44 14.03
CA ASN A 305 -6.49 19.50 14.52
C ASN A 305 -5.94 18.10 14.77
N TYR A 306 -4.63 18.03 14.97
CA TYR A 306 -3.93 16.77 15.17
C TYR A 306 -4.59 15.90 16.24
N ASP A 307 -4.95 16.52 17.37
CA ASP A 307 -5.61 15.82 18.47
C ASP A 307 -6.85 15.08 17.97
N ASN A 308 -7.60 15.74 17.09
CA ASN A 308 -8.87 15.21 16.60
C ASN A 308 -8.76 13.84 15.96
N VAL A 309 -8.03 13.76 14.85
CA VAL A 309 -7.89 12.50 14.12
C VAL A 309 -7.16 11.46 14.97
N MET A 310 -6.01 11.86 15.52
CA MET A 310 -5.10 10.96 16.21
C MET A 310 -5.67 10.29 17.45
N ASP A 311 -6.36 11.04 18.29
CA ASP A 311 -6.75 10.54 19.59
C ASP A 311 -8.26 10.39 19.77
N GLU A 312 -9.01 10.78 18.76
CA GLU A 312 -10.45 10.89 18.90
C GLU A 312 -11.24 10.23 17.82
N MET A 313 -10.57 9.55 16.91
CA MET A 313 -11.22 8.91 15.79
C MET A 313 -10.97 7.42 15.83
N PRO A 314 -10.97 6.82 17.08
CA PRO A 314 -10.53 5.43 17.12
C PRO A 314 -11.37 4.42 16.37
N PHE A 315 -12.68 4.61 16.39
CA PHE A 315 -13.62 3.76 15.66
C PHE A 315 -13.35 3.81 14.16
N ALA A 316 -13.14 5.02 13.64
CA ALA A 316 -12.82 5.19 12.23
C ALA A 316 -11.59 4.38 11.86
N GLU A 317 -10.63 4.34 12.78
CA GLU A 317 -9.38 3.62 12.53
C GLU A 317 -9.62 2.13 12.38
N ARG A 318 -10.66 1.63 13.03
CA ARG A 318 -11.00 0.22 12.92
C ARG A 318 -11.52 -0.11 11.52
N CYS A 319 -12.27 0.82 10.95
CA CYS A 319 -12.86 0.63 9.63
C CYS A 319 -11.79 0.52 8.54
N VAL A 320 -10.78 1.38 8.62
CA VAL A 320 -9.71 1.40 7.63
C VAL A 320 -8.87 0.13 7.72
N ARG A 321 -8.60 -0.31 8.95
CA ARG A 321 -7.83 -1.53 9.18
C ARG A 321 -8.61 -2.76 8.75
N GLU A 322 -9.91 -2.78 9.05
CA GLU A 322 -10.75 -3.88 8.61
C GLU A 322 -10.75 -3.98 7.09
N SER A 323 -10.89 -2.84 6.43
CA SER A 323 -10.89 -2.81 4.97
C SER A 323 -9.59 -3.36 4.42
N ILE A 324 -8.48 -3.04 5.08
CA ILE A 324 -7.19 -3.54 4.66
C ILE A 324 -7.09 -5.00 5.02
N ARG A 325 -7.79 -5.38 6.09
CA ARG A 325 -7.80 -6.75 6.56
C ARG A 325 -8.53 -7.62 5.55
N ARG A 326 -9.74 -7.21 5.19
CA ARG A 326 -10.58 -7.95 4.26
C ARG A 326 -9.95 -8.06 2.87
N ASP A 327 -9.57 -6.93 2.29
CA ASP A 327 -8.96 -6.91 0.97
C ASP A 327 -7.58 -6.23 0.97
N PRO A 328 -6.57 -6.93 1.48
CA PRO A 328 -5.22 -6.38 1.44
C PRO A 328 -4.82 -6.05 0.02
N PRO A 329 -4.19 -4.88 -0.17
CA PRO A 329 -3.73 -4.40 -1.47
C PRO A 329 -2.46 -5.10 -1.97
N LEU A 330 -1.61 -5.51 -1.02
CA LEU A 330 -0.44 -6.33 -1.37
C LEU A 330 -0.69 -7.78 -0.97
N LEU A 331 -1.01 -8.62 -1.95
CA LEU A 331 -1.38 -9.99 -1.68
C LEU A 331 -0.21 -10.83 -1.17
N MET A 332 0.97 -10.58 -1.72
CA MET A 332 2.13 -11.39 -1.39
C MET A 332 3.32 -10.54 -0.99
N VAL A 333 3.81 -10.77 0.22
CA VAL A 333 5.12 -10.29 0.60
C VAL A 333 6.11 -11.42 0.32
N MET A 334 7.27 -11.09 -0.23
CA MET A 334 8.18 -12.13 -0.70
C MET A 334 9.65 -11.91 -0.30
N ARG A 335 10.34 -13.03 -0.10
CA ARG A 335 11.76 -13.00 0.25
C ARG A 335 12.52 -14.03 -0.56
N MET A 336 13.84 -13.97 -0.46
CA MET A 336 14.71 -14.96 -1.09
C MET A 336 15.49 -15.70 -0.01
N VAL A 337 15.29 -17.01 0.09
CA VAL A 337 15.87 -17.79 1.16
C VAL A 337 17.35 -18.06 0.94
N LYS A 338 18.18 -17.05 1.17
CA LYS A 338 19.62 -17.20 1.05
C LYS A 338 20.08 -18.38 1.90
N ALA A 339 19.46 -18.55 3.06
CA ALA A 339 19.83 -19.64 3.97
C ALA A 339 18.60 -20.40 4.44
N GLU A 340 18.82 -21.59 5.01
CA GLU A 340 17.73 -22.38 5.55
C GLU A 340 17.17 -21.70 6.80
N VAL A 341 15.89 -21.94 7.08
CA VAL A 341 15.27 -21.49 8.31
C VAL A 341 14.04 -22.32 8.65
N LYS A 342 14.00 -22.84 9.88
CA LYS A 342 12.88 -23.64 10.34
C LYS A 342 11.59 -22.82 10.33
N VAL A 343 10.50 -23.45 9.90
CA VAL A 343 9.20 -22.82 9.89
C VAL A 343 8.15 -23.81 10.39
N GLY A 344 7.79 -23.68 11.66
CA GLY A 344 6.88 -24.64 12.28
C GLY A 344 7.53 -26.01 12.38
N SER A 345 6.99 -26.98 11.66
CA SER A 345 7.54 -28.34 11.69
C SER A 345 8.35 -28.62 10.43
N TYR A 346 8.44 -27.63 9.55
CA TYR A 346 9.14 -27.78 8.28
C TYR A 346 10.42 -26.98 8.22
N VAL A 347 11.20 -27.17 7.15
CA VAL A 347 12.40 -26.39 6.91
C VAL A 347 12.31 -25.73 5.54
N VAL A 348 13.12 -24.69 5.33
CA VAL A 348 13.19 -24.01 4.05
C VAL A 348 14.61 -24.02 3.53
N PRO A 349 14.84 -24.73 2.42
CA PRO A 349 16.18 -24.92 1.83
C PRO A 349 16.66 -23.66 1.11
N LYS A 350 17.95 -23.36 1.23
CA LYS A 350 18.54 -22.25 0.51
C LYS A 350 18.14 -22.34 -0.97
N GLY A 351 17.72 -21.21 -1.54
CA GLY A 351 17.34 -21.18 -2.95
C GLY A 351 15.83 -21.16 -3.16
N ASP A 352 15.09 -21.34 -2.07
CA ASP A 352 13.64 -21.23 -2.14
C ASP A 352 13.22 -19.77 -2.20
N ILE A 353 12.08 -19.52 -2.84
CA ILE A 353 11.39 -18.26 -2.69
C ILE A 353 10.29 -18.40 -1.65
N ILE A 354 10.51 -17.84 -0.46
CA ILE A 354 9.47 -17.86 0.57
C ILE A 354 8.61 -16.61 0.47
N ALA A 355 7.33 -16.76 0.78
CA ALA A 355 6.41 -15.63 0.74
C ALA A 355 5.37 -15.74 1.86
N CYS A 356 4.85 -14.60 2.30
CA CYS A 356 3.72 -14.60 3.22
C CYS A 356 2.60 -13.72 2.69
N SER A 357 1.39 -14.28 2.65
CA SER A 357 0.28 -13.61 1.99
C SER A 357 -0.75 -13.10 2.97
N PRO A 358 -0.88 -11.77 3.06
CA PRO A 358 -1.91 -11.10 3.83
C PRO A 358 -3.33 -11.48 3.38
N LEU A 359 -3.51 -11.69 2.08
CA LEU A 359 -4.83 -12.06 1.56
C LEU A 359 -5.26 -13.44 2.04
N LEU A 360 -4.36 -14.41 1.91
CA LEU A 360 -4.61 -15.74 2.45
C LEU A 360 -4.76 -15.68 3.96
N SER A 361 -3.76 -15.11 4.62
CA SER A 361 -3.72 -15.01 6.09
C SER A 361 -4.96 -14.39 6.72
N HIS A 362 -5.49 -13.35 6.07
CA HIS A 362 -6.61 -12.60 6.63
C HIS A 362 -7.88 -13.34 6.42
N HIS A 363 -7.77 -14.59 5.99
CA HIS A 363 -8.95 -15.40 5.69
C HIS A 363 -8.96 -16.70 6.44
N ASP A 364 -7.81 -17.05 7.01
CA ASP A 364 -7.74 -18.08 8.02
C ASP A 364 -8.89 -17.91 9.01
N GLU A 365 -9.71 -18.95 9.17
CA GLU A 365 -10.94 -18.81 9.95
C GLU A 365 -10.79 -18.89 11.47
N GLU A 366 -9.63 -19.32 11.95
CA GLU A 366 -9.33 -19.23 13.37
C GLU A 366 -9.14 -17.76 13.75
N ALA A 367 -8.31 -17.07 12.98
CA ALA A 367 -8.03 -15.66 13.21
C ALA A 367 -9.24 -14.79 12.86
N PHE A 368 -9.87 -15.09 11.72
CA PHE A 368 -10.98 -14.28 11.24
C PHE A 368 -12.19 -15.11 10.82
N PRO A 369 -13.12 -15.37 11.76
CA PRO A 369 -14.40 -15.98 11.43
C PRO A 369 -15.13 -15.12 10.40
N ASN A 370 -15.82 -15.75 9.45
CA ASN A 370 -16.47 -15.03 8.35
C ASN A 370 -15.52 -14.00 7.72
N PRO A 371 -14.39 -14.49 7.20
CA PRO A 371 -13.36 -13.57 6.71
C PRO A 371 -13.88 -12.58 5.66
N ARG A 372 -14.95 -12.92 4.95
CA ARG A 372 -15.47 -12.03 3.91
C ARG A 372 -16.47 -11.02 4.48
N LEU A 373 -16.91 -11.24 5.71
CA LEU A 373 -17.74 -10.25 6.39
C LEU A 373 -16.89 -9.06 6.78
N TRP A 374 -17.45 -7.86 6.66
CA TRP A 374 -16.75 -6.64 7.04
C TRP A 374 -17.15 -6.24 8.43
N ASP A 375 -16.26 -6.46 9.39
CA ASP A 375 -16.54 -6.10 10.79
C ASP A 375 -15.43 -5.21 11.36
N PRO A 376 -15.75 -3.93 11.61
CA PRO A 376 -14.79 -2.99 12.17
C PRO A 376 -14.47 -3.33 13.62
N GLU A 377 -15.47 -3.81 14.36
CA GLU A 377 -15.28 -4.13 15.78
C GLU A 377 -14.77 -5.53 16.01
N ARG A 378 -14.41 -6.24 14.93
CA ARG A 378 -13.75 -7.53 15.09
C ARG A 378 -12.29 -7.33 15.50
N ASP A 379 -11.76 -8.28 16.27
CA ASP A 379 -10.36 -8.27 16.61
C ASP A 379 -9.76 -9.62 16.24
N GLU A 380 -8.46 -9.62 15.89
CA GLU A 380 -7.79 -10.85 15.47
C GLU A 380 -7.76 -11.87 16.62
N LYS A 381 -8.16 -13.09 16.33
CA LYS A 381 -8.25 -14.11 17.36
C LYS A 381 -6.96 -14.94 17.41
N VAL A 382 -6.03 -14.57 16.54
CA VAL A 382 -4.66 -15.06 16.66
C VAL A 382 -3.74 -13.85 16.56
N ASP A 383 -3.07 -13.52 17.65
CA ASP A 383 -2.19 -12.36 17.68
C ASP A 383 -1.12 -12.42 16.59
N GLY A 384 -1.14 -11.43 15.69
CA GLY A 384 -0.21 -11.36 14.57
C GLY A 384 -0.89 -11.69 13.25
N ALA A 385 -2.12 -12.19 13.34
CA ALA A 385 -2.85 -12.62 12.15
C ALA A 385 -2.89 -11.52 11.10
N PHE A 386 -3.20 -10.30 11.52
CA PHE A 386 -3.27 -9.17 10.61
C PHE A 386 -1.88 -8.65 10.23
N ILE A 387 -1.61 -8.60 8.92
CA ILE A 387 -0.33 -8.12 8.40
C ILE A 387 -0.43 -7.00 7.34
N GLY A 388 -1.57 -6.38 7.22
CA GLY A 388 -1.80 -5.41 6.16
C GLY A 388 -0.67 -4.43 5.95
N PHE A 389 0.03 -4.11 7.01
CA PHE A 389 1.20 -3.23 6.93
C PHE A 389 2.50 -4.00 7.14
N GLY A 390 2.52 -5.29 6.93
CA GLY A 390 3.72 -6.03 7.19
C GLY A 390 3.90 -6.40 8.64
N ALA A 391 5.11 -6.74 9.01
CA ALA A 391 5.43 -7.07 10.37
C ALA A 391 6.89 -7.17 10.45
N GLY A 392 7.39 -7.36 11.64
CA GLY A 392 8.77 -7.66 11.90
C GLY A 392 9.83 -6.67 11.49
N VAL A 393 10.86 -7.16 10.84
CA VAL A 393 11.97 -6.32 10.42
C VAL A 393 11.54 -5.39 9.30
N HIS A 394 10.39 -5.66 8.70
CA HIS A 394 9.87 -4.82 7.63
C HIS A 394 8.44 -4.46 7.84
N LYS A 395 8.13 -3.77 8.95
CA LYS A 395 6.80 -3.18 9.06
C LYS A 395 6.72 -1.84 8.36
N CYS A 396 5.55 -1.56 7.80
CA CYS A 396 5.31 -0.37 6.99
C CYS A 396 5.71 0.91 7.72
N ILE A 397 6.57 1.70 7.10
CA ILE A 397 6.97 2.97 7.69
C ILE A 397 5.95 4.05 7.36
N GLY A 398 5.09 3.78 6.39
CA GLY A 398 4.08 4.73 5.97
C GLY A 398 2.76 4.57 6.70
N GLN A 399 2.67 3.54 7.54
CA GLN A 399 1.41 3.20 8.17
C GLN A 399 0.74 4.40 8.84
N LYS A 400 1.46 5.12 9.70
CA LYS A 400 0.89 6.22 10.47
C LYS A 400 0.35 7.31 9.55
N PHE A 401 1.08 7.56 8.48
CA PHE A 401 0.71 8.59 7.52
C PHE A 401 -0.55 8.21 6.76
N ALA A 402 -0.54 6.99 6.23
CA ALA A 402 -1.65 6.51 5.42
C ALA A 402 -2.92 6.61 6.22
N LEU A 403 -2.86 6.16 7.47
CA LEU A 403 -4.01 6.19 8.33
C LEU A 403 -4.49 7.61 8.56
N LEU A 404 -3.60 8.55 8.77
CA LEU A 404 -3.97 9.93 8.98
C LEU A 404 -4.70 10.53 7.79
N GLN A 405 -4.21 10.27 6.59
CA GLN A 405 -4.91 10.69 5.39
C GLN A 405 -6.28 10.09 5.36
N VAL A 406 -6.35 8.78 5.43
CA VAL A 406 -7.61 8.10 5.20
C VAL A 406 -8.65 8.46 6.23
N LYS A 407 -8.27 8.53 7.49
CA LYS A 407 -9.23 8.86 8.54
C LYS A 407 -9.81 10.26 8.31
N THR A 408 -8.94 11.22 8.03
CA THR A 408 -9.37 12.59 7.85
C THR A 408 -10.29 12.72 6.63
N ILE A 409 -9.95 12.01 5.57
CA ILE A 409 -10.75 12.03 4.35
C ILE A 409 -12.15 11.50 4.63
N LEU A 410 -12.23 10.26 5.10
CA LEU A 410 -13.54 9.65 5.36
C LEU A 410 -14.35 10.64 6.19
N ALA A 411 -13.70 11.27 7.16
CA ALA A 411 -14.38 12.23 8.00
C ALA A 411 -14.78 13.45 7.18
N THR A 412 -13.83 14.01 6.45
CA THR A 412 -14.12 15.15 5.60
C THR A 412 -15.34 14.85 4.74
N ALA A 413 -15.30 13.74 4.02
CA ALA A 413 -16.24 13.47 2.93
C ALA A 413 -17.57 12.90 3.41
N PHE A 414 -17.62 12.41 4.65
CA PHE A 414 -18.87 11.89 5.17
C PHE A 414 -19.60 12.93 6.03
N ARG A 415 -18.90 14.01 6.35
CA ARG A 415 -19.48 15.11 7.11
C ARG A 415 -20.39 15.98 6.24
N GLU A 416 -19.96 16.23 5.00
CA GLU A 416 -20.70 17.11 4.10
C GLU A 416 -21.42 16.35 2.98
N TYR A 417 -21.53 15.04 3.12
CA TYR A 417 -22.08 14.20 2.06
C TYR A 417 -22.69 12.89 2.59
N ASP A 418 -23.63 12.36 1.81
CA ASP A 418 -24.10 10.99 1.98
C ASP A 418 -23.88 10.24 0.66
N PHE A 419 -23.80 8.91 0.72
CA PHE A 419 -23.41 8.16 -0.46
C PHE A 419 -24.29 6.95 -0.78
N GLN A 420 -24.33 6.61 -2.07
CA GLN A 420 -24.94 5.37 -2.53
C GLN A 420 -24.20 4.73 -3.71
N LEU A 421 -24.25 3.41 -3.73
CA LEU A 421 -23.52 2.60 -4.69
C LEU A 421 -24.46 2.14 -5.80
N LEU A 422 -24.06 2.33 -7.05
CA LEU A 422 -24.87 1.84 -8.15
C LEU A 422 -24.61 0.36 -8.24
N ARG A 423 -25.01 -0.35 -7.19
CA ARG A 423 -24.84 -1.78 -7.13
C ARG A 423 -25.61 -2.40 -5.98
N ASP A 424 -25.55 -3.72 -5.93
CA ASP A 424 -26.11 -4.46 -4.82
C ASP A 424 -24.95 -4.96 -3.95
N GLU A 425 -23.89 -5.40 -4.61
CA GLU A 425 -22.72 -5.93 -3.91
C GLU A 425 -21.47 -5.08 -4.09
N VAL A 426 -20.77 -4.85 -2.99
CA VAL A 426 -19.55 -4.11 -3.00
C VAL A 426 -18.64 -4.78 -4.00
N PRO A 427 -17.76 -3.95 -4.66
CA PRO A 427 -17.05 -4.55 -5.78
C PRO A 427 -16.18 -5.73 -5.43
N ASP A 428 -15.68 -6.41 -6.44
CA ASP A 428 -14.90 -7.59 -6.25
C ASP A 428 -13.45 -7.27 -6.53
N PRO A 429 -12.55 -7.73 -5.68
CA PRO A 429 -11.14 -7.49 -5.95
C PRO A 429 -10.78 -7.88 -7.39
N ASP A 430 -9.96 -7.06 -8.04
CA ASP A 430 -9.45 -7.40 -9.35
C ASP A 430 -8.01 -7.90 -9.22
N TYR A 431 -7.81 -9.19 -9.42
CA TYR A 431 -6.52 -9.82 -9.10
C TYR A 431 -5.46 -9.69 -10.20
N HIS A 432 -5.78 -8.99 -11.28
CA HIS A 432 -4.89 -8.87 -12.43
C HIS A 432 -3.80 -7.83 -12.30
N THR A 433 -3.83 -7.05 -11.21
CA THR A 433 -2.81 -6.02 -10.98
C THR A 433 -1.85 -6.40 -9.86
N MET A 434 -0.60 -5.95 -9.96
CA MET A 434 0.41 -6.22 -8.94
C MET A 434 0.02 -5.62 -7.60
N VAL A 435 -0.86 -4.61 -7.63
CA VAL A 435 -1.41 -4.02 -6.43
C VAL A 435 -2.94 -4.02 -6.49
N VAL A 436 -3.56 -4.94 -5.75
CA VAL A 436 -4.98 -5.22 -5.91
C VAL A 436 -5.90 -4.21 -5.24
N GLY A 437 -6.91 -3.76 -6.00
CA GLY A 437 -7.99 -2.92 -5.45
C GLY A 437 -9.34 -3.35 -6.00
N PRO A 438 -10.43 -2.68 -5.58
CA PRO A 438 -11.76 -3.08 -6.00
C PRO A 438 -11.95 -2.91 -7.50
N THR A 439 -12.73 -3.81 -8.12
CA THR A 439 -12.96 -3.74 -9.56
C THR A 439 -13.35 -2.32 -9.99
N LEU A 440 -12.59 -1.77 -10.93
CA LEU A 440 -12.78 -0.40 -11.36
C LEU A 440 -14.20 -0.14 -11.88
N ASN A 441 -14.64 -0.95 -12.84
CA ASN A 441 -15.93 -0.71 -13.50
C ASN A 441 -17.15 -0.90 -12.60
N GLN A 442 -16.91 -1.19 -11.33
CA GLN A 442 -18.00 -1.39 -10.38
C GLN A 442 -18.14 -0.19 -9.45
N CYS A 443 -17.14 0.68 -9.46
CA CYS A 443 -17.03 1.70 -8.43
C CYS A 443 -17.94 2.92 -8.59
N LEU A 444 -18.53 3.06 -9.78
CA LEU A 444 -19.35 4.22 -10.04
C LEU A 444 -20.33 4.37 -8.90
N VAL A 445 -20.31 5.54 -8.28
CA VAL A 445 -21.07 5.83 -7.07
C VAL A 445 -21.82 7.13 -7.31
N LYS A 446 -22.84 7.40 -6.50
CA LYS A 446 -23.63 8.62 -6.65
C LYS A 446 -23.90 9.29 -5.30
N TYR A 447 -23.65 10.59 -5.22
CA TYR A 447 -23.70 11.30 -3.94
C TYR A 447 -24.93 12.19 -3.77
N THR A 448 -25.37 12.30 -2.51
CA THR A 448 -26.43 13.23 -2.14
C THR A 448 -25.84 14.21 -1.13
N ARG A 449 -25.48 15.40 -1.59
CA ARG A 449 -24.90 16.40 -0.69
C ARG A 449 -25.84 16.65 0.49
N LYS A 450 -25.30 16.56 1.70
CA LYS A 450 -26.05 16.94 2.89
C LYS A 450 -26.14 18.47 2.93
N LYS A 451 -26.94 19.00 3.86
CA LYS A 451 -27.10 20.45 4.00
C LYS A 451 -27.55 20.83 5.41
CHA HEM B . 6.18 -1.51 4.03
CHB HEM B . 1.31 -2.15 3.05
CHC HEM B . 0.88 2.77 3.23
CHD HEM B . 5.80 3.10 2.41
C1A HEM B . 4.90 -2.18 3.78
C2A HEM B . 4.71 -3.65 3.78
C3A HEM B . 3.26 -3.86 3.50
C4A HEM B . 2.69 -2.48 3.35
CMA HEM B . 2.56 -5.18 3.38
CAA HEM B . 5.78 -4.70 4.01
CBA HEM B . 6.17 -5.31 2.68
CGA HEM B . 7.14 -6.45 2.90
O1A HEM B . 7.03 -7.13 3.94
O2A HEM B . 8.02 -6.65 2.03
C1B HEM B . 0.73 -0.79 3.03
C2B HEM B . -0.73 -0.59 2.86
C3B HEM B . -0.81 0.87 2.93
C4B HEM B . 0.58 1.34 3.08
CMB HEM B . -1.84 -1.59 2.70
CAB HEM B . -2.00 1.75 2.81
CBB HEM B . -2.75 2.04 3.85
C1C HEM B . 2.16 3.37 2.95
C2C HEM B . 2.43 4.83 2.74
C3C HEM B . 3.88 4.87 2.50
C4C HEM B . 4.39 3.49 2.61
CMC HEM B . 1.45 5.99 2.74
CAC HEM B . 4.69 6.08 2.21
CBC HEM B . 4.86 7.01 3.14
C1D HEM B . 6.40 1.82 2.83
C2D HEM B . 7.85 1.61 2.83
C3D HEM B . 7.98 0.24 3.31
C4D HEM B . 6.58 -0.20 3.51
CMD HEM B . 8.95 2.56 2.45
CAD HEM B . 9.27 -0.50 3.49
CBD HEM B . 9.11 -1.70 4.42
CGD HEM B . 10.44 -2.40 4.33
O1D HEM B . 11.11 -2.55 5.38
O2D HEM B . 10.83 -2.76 3.19
NA HEM B . 3.67 -1.44 3.56
NB HEM B . 1.50 0.34 3.17
NC HEM B . 3.34 2.52 2.90
ND HEM B . 5.69 0.76 3.26
FE HEM B . 3.70 0.50 3.15
CAA NEE C . 12.89 -0.03 0.28
CAP NEE C . 12.10 1.10 0.10
CAJ NEE C . 10.78 0.99 -0.30
CAU NEE C . 12.66 2.36 0.31
CL1 NEE C . 14.31 2.48 0.80
CAQ NEE C . 11.89 3.51 0.12
CAB NEE C . 12.43 4.77 0.32
CAK NEE C . 10.56 3.39 -0.28
CAT NEE C . 10.01 2.13 -0.49
OAO NEE C . 8.70 2.04 -0.88
CAS NEE C . 8.35 0.89 -1.49
CAL NEE C . 7.38 0.07 -0.93
CAG NEE C . 8.95 0.51 -2.70
CAD NEE C . 8.56 -0.69 -3.32
CAF NEE C . 7.59 -1.49 -2.75
CAR NEE C . 6.99 -1.11 -1.54
CAM NEE C . 6.02 -1.91 -0.96
NAV NEE C . 5.02 -1.02 -0.31
CAH NEE C . 3.97 -0.46 -0.92
CAE NEE C . 3.32 0.27 -0.01
NAN NEE C . 3.97 0.15 1.16
CAI NEE C . 5.01 -0.65 0.97
#